data_7QY2
#
_entry.id   7QY2
#
_cell.length_a   131.369
_cell.length_b   131.369
_cell.length_c   155.336
_cell.angle_alpha   90.000
_cell.angle_beta   90.000
_cell.angle_gamma   120.000
#
_symmetry.space_group_name_H-M   'P 65 2 2'
#
loop_
_entity.id
_entity.type
_entity.pdbx_description
1 polymer Furin
2 non-polymer (2R)-4-[4-[5-[4-[[4-(acetamidomethyl)piperidin-1-ium-1-yl]methyl]-6-[3,5-bis(chloranyl)phenyl]pyridin-2-yl]oxypyrimidin-2-yl]piperazin-1-ium-1-yl]-2-methyl-butanoate
3 non-polymer 'CALCIUM ION'
4 non-polymer 'SODIUM ION'
5 non-polymer 'CHLORIDE ION'
6 non-polymer 'DIMETHYL SULFOXIDE'
7 non-polymer 2-acetamido-2-deoxy-beta-D-glucopyranose
8 water water
#
_entity_poly.entity_id   1
_entity_poly.type   'polypeptide(L)'
_entity_poly.pdbx_seq_one_letter_code
;DVYQEPTDPKFPQQWYLSGVTQRDLNVKAAWAQGYTGHGIVVSILDDGIEKNHPDLAGNYDPGASFDVNDQDPDPQPRYT
QMNDNRHGTRCAGEVAAVANNGVCGVGVAYNARIGGVRMLDGEVTDAVEARSLGLNPNHIHIYSASWGPEDDGKTVDGPA
RLAEEAFFRGVSQGRGGLGSIFVWASGNGGREHDSCNCDGYTNSIYTLSISSATQFGNVPWYSEACSSTLATTYSSGNQN
EKQIVTTDLRQKCTESHTGTSASAPLAAGIIALTLEANKNLTWRDMQHLVVQTSKPAHLNANDWATNGVGRKVSHSYGYG
LLDAGAMVALAQNWTTVAPQRKCIIDILTEPKDIGKRLEVRKTVTACLGEPNHITRLEHAQARLTLSYNRRGDLAIHLVS
PMGTRSTLLAARPHDYSADGFNDWAFMTTHSWDEDPSGEWVLEIENTSEANNYGTLTKFTLVLYGTASGSLVPRGSHHHH
;
_entity_poly.pdbx_strand_id   A
#
loop_
_chem_comp.id
_chem_comp.type
_chem_comp.name
_chem_comp.formula
CA non-polymer 'CALCIUM ION' 'Ca 2'
CL non-polymer 'CHLORIDE ION' 'Cl -1'
DMS non-polymer 'DIMETHYL SULFOXIDE' 'C2 H6 O S'
I0Q non-polymer (2R)-4-[4-[5-[4-[[4-(acetamidomethyl)piperidin-1-ium-1-yl]methyl]-6-[3,5-bis(chloranyl)phenyl]pyridin-2-yl]oxypyrimidin-2-yl]piperazin-1-ium-1-yl]-2-methyl-butanoate 'C33 H42 Cl2 N7 O4 1'
NA non-polymer 'SODIUM ION' 'Na 1'
NAG D-saccharide, beta linking 2-acetamido-2-deoxy-beta-D-glucopyranose 'C8 H15 N O6'
#
# COMPACT_ATOMS: atom_id res chain seq x y z
N TYR A 3 -8.25 13.39 28.03
CA TYR A 3 -8.59 13.53 26.63
C TYR A 3 -10.10 13.50 26.43
N GLN A 4 -10.65 14.45 25.67
CA GLN A 4 -12.07 14.47 25.36
C GLN A 4 -12.26 13.98 23.93
N GLU A 5 -13.01 12.90 23.78
CA GLU A 5 -13.21 12.37 22.45
C GLU A 5 -14.16 13.25 21.65
N PRO A 6 -14.15 13.11 20.33
CA PRO A 6 -14.93 14.02 19.48
C PRO A 6 -16.43 13.93 19.75
N THR A 7 -17.09 15.07 19.56
CA THR A 7 -18.52 15.21 19.78
C THR A 7 -19.32 15.16 18.48
N ASP A 8 -18.67 14.95 17.34
CA ASP A 8 -19.35 15.02 16.06
C ASP A 8 -20.50 14.01 16.01
N PRO A 9 -21.59 14.35 15.33
CA PRO A 9 -22.80 13.52 15.43
C PRO A 9 -22.60 12.10 14.93
N LYS A 10 -21.70 11.86 13.99
CA LYS A 10 -21.51 10.51 13.46
C LYS A 10 -20.24 9.86 13.96
N PHE A 11 -19.56 10.47 14.92
CA PHE A 11 -18.37 9.80 15.45
C PHE A 11 -18.71 8.47 16.09
N PRO A 12 -19.82 8.31 16.82
CA PRO A 12 -20.16 6.97 17.35
C PRO A 12 -20.29 5.92 16.27
N GLN A 13 -20.63 6.32 15.05
CA GLN A 13 -20.75 5.37 13.96
C GLN A 13 -19.41 5.06 13.30
N GLN A 14 -18.34 5.74 13.68
CA GLN A 14 -17.00 5.46 13.13
C GLN A 14 -16.34 4.37 13.97
N TRP A 15 -16.90 3.17 13.82
CA TRP A 15 -16.57 2.01 14.65
C TRP A 15 -15.11 1.62 14.57
N TYR A 16 -14.44 1.89 13.45
CA TYR A 16 -13.05 1.53 13.23
C TYR A 16 -12.11 2.48 13.96
N LEU A 17 -12.63 3.60 14.46
CA LEU A 17 -11.94 4.47 15.41
C LEU A 17 -12.49 4.31 16.82
N SER A 18 -13.79 4.56 17.01
CA SER A 18 -14.35 4.74 18.34
C SER A 18 -14.77 3.43 19.00
N GLY A 19 -14.28 2.29 18.52
CA GLY A 19 -14.66 1.02 19.11
C GLY A 19 -14.14 0.88 20.53
N VAL A 20 -14.99 0.33 21.40
CA VAL A 20 -14.58 -0.09 22.74
C VAL A 20 -14.43 -1.59 22.83
N THR A 21 -14.41 -2.29 21.68
CA THR A 21 -14.39 -3.74 21.65
C THR A 21 -13.06 -4.32 21.19
N GLN A 22 -12.05 -3.49 20.94
CA GLN A 22 -10.72 -3.87 20.47
C GLN A 22 -10.72 -4.18 18.97
N ARG A 23 -11.86 -4.11 18.29
CA ARG A 23 -11.89 -4.25 16.84
C ARG A 23 -11.87 -2.86 16.20
N ASP A 24 -10.72 -2.19 16.36
CA ASP A 24 -10.54 -0.88 15.79
C ASP A 24 -9.05 -0.64 15.55
N LEU A 25 -8.74 0.53 15.00
CA LEU A 25 -7.39 0.92 14.62
C LEU A 25 -6.63 1.61 15.74
N ASN A 26 -7.19 1.62 16.95
CA ASN A 26 -6.53 2.15 18.14
C ASN A 26 -6.08 3.60 17.91
N VAL A 27 -6.98 4.39 17.34
CA VAL A 27 -6.67 5.78 17.05
C VAL A 27 -6.89 6.67 18.27
N LYS A 28 -7.89 6.38 19.09
CA LYS A 28 -8.11 7.20 20.28
C LYS A 28 -6.87 7.24 21.16
N ALA A 29 -6.14 6.12 21.22
CA ALA A 29 -4.91 6.05 22.01
C ALA A 29 -3.87 7.04 21.49
N ALA A 30 -3.80 7.21 20.16
CA ALA A 30 -2.87 8.18 19.60
C ALA A 30 -3.31 9.61 19.91
N TRP A 31 -4.60 9.91 19.68
CA TRP A 31 -5.14 11.21 20.07
C TRP A 31 -4.83 11.52 21.53
N ALA A 32 -5.02 10.53 22.41
CA ALA A 32 -4.80 10.77 23.83
C ALA A 32 -3.33 11.00 24.17
N GLN A 33 -2.41 10.53 23.32
CA GLN A 33 -0.99 10.86 23.47
C GLN A 33 -0.69 12.27 22.94
N GLY A 34 -1.67 12.97 22.39
CA GLY A 34 -1.49 14.32 21.89
C GLY A 34 -1.36 14.47 20.39
N TYR A 35 -1.53 13.39 19.61
CA TYR A 35 -1.22 13.40 18.19
C TYR A 35 -2.51 13.41 17.38
N THR A 36 -2.67 14.45 16.57
CA THR A 36 -3.88 14.68 15.80
C THR A 36 -3.59 15.04 14.35
N GLY A 37 -2.32 15.08 13.95
CA GLY A 37 -1.94 15.45 12.59
C GLY A 37 -1.54 16.90 12.41
N HIS A 38 -1.50 17.67 13.48
N HIS A 38 -1.53 17.69 13.49
CA HIS A 38 -1.12 19.07 13.36
CA HIS A 38 -1.06 19.07 13.43
C HIS A 38 0.23 19.19 12.66
C HIS A 38 0.24 19.15 12.64
N GLY A 39 0.28 20.07 11.65
CA GLY A 39 1.50 20.31 10.91
C GLY A 39 1.76 19.38 9.75
N ILE A 40 0.97 18.33 9.58
CA ILE A 40 1.19 17.35 8.52
C ILE A 40 0.24 17.65 7.37
N VAL A 41 0.71 17.36 6.16
CA VAL A 41 -0.01 17.69 4.92
C VAL A 41 -0.21 16.41 4.12
N VAL A 42 -1.47 16.12 3.78
CA VAL A 42 -1.84 14.92 3.05
C VAL A 42 -2.56 15.32 1.77
N SER A 43 -2.30 14.60 0.68
CA SER A 43 -3.00 14.85 -0.57
C SER A 43 -3.62 13.55 -1.12
N ILE A 44 -4.87 13.66 -1.53
CA ILE A 44 -5.65 12.56 -2.08
C ILE A 44 -5.56 12.59 -3.59
N LEU A 45 -4.98 11.56 -4.18
N LEU A 45 -4.99 11.55 -4.19
CA LEU A 45 -4.86 11.46 -5.64
CA LEU A 45 -4.86 11.46 -5.65
C LEU A 45 -6.11 10.73 -6.16
C LEU A 45 -6.09 10.73 -6.18
N ASP A 46 -7.04 11.48 -6.76
CA ASP A 46 -8.33 10.89 -7.12
C ASP A 46 -9.11 11.77 -8.09
N ASP A 47 -10.43 11.85 -7.92
CA ASP A 47 -11.29 12.54 -8.88
C ASP A 47 -11.63 13.96 -8.45
N GLY A 48 -10.92 14.50 -7.47
CA GLY A 48 -11.15 15.85 -7.01
C GLY A 48 -11.54 15.89 -5.55
N ILE A 49 -11.60 17.11 -5.01
CA ILE A 49 -11.94 17.33 -3.61
C ILE A 49 -12.85 18.55 -3.49
N GLU A 50 -13.98 18.37 -2.81
CA GLU A 50 -14.94 19.44 -2.55
C GLU A 50 -14.35 20.29 -1.43
N LYS A 51 -13.58 21.31 -1.81
CA LYS A 51 -12.80 22.04 -0.83
C LYS A 51 -13.67 22.89 0.08
N ASN A 52 -14.89 23.18 -0.33
CA ASN A 52 -15.82 23.94 0.51
C ASN A 52 -16.72 23.06 1.37
N HIS A 53 -16.49 21.77 1.41
CA HIS A 53 -17.30 20.88 2.25
C HIS A 53 -17.24 21.38 3.70
N PRO A 54 -18.38 21.48 4.40
N PRO A 54 -18.37 21.44 4.40
CA PRO A 54 -18.32 21.99 5.78
CA PRO A 54 -18.34 21.98 5.77
C PRO A 54 -17.39 21.21 6.69
C PRO A 54 -17.45 21.19 6.73
N ASP A 55 -17.09 19.94 6.40
CA ASP A 55 -16.20 19.16 7.25
C ASP A 55 -14.77 19.09 6.71
N LEU A 56 -14.49 19.76 5.59
CA LEU A 56 -13.13 19.81 5.05
C LEU A 56 -12.55 21.22 4.98
N ALA A 57 -13.39 22.26 4.85
CA ALA A 57 -12.90 23.60 4.60
C ALA A 57 -11.87 24.03 5.63
N GLY A 58 -12.12 23.73 6.91
CA GLY A 58 -11.24 24.19 7.97
C GLY A 58 -9.84 23.60 7.91
N ASN A 59 -9.67 22.47 7.23
CA ASN A 59 -8.37 21.85 7.07
C ASN A 59 -7.86 21.91 5.64
N TYR A 60 -8.62 22.49 4.72
CA TYR A 60 -8.25 22.46 3.31
C TYR A 60 -6.99 23.27 3.05
N ASP A 61 -6.10 22.71 2.25
CA ASP A 61 -4.82 23.32 1.90
C ASP A 61 -4.67 23.39 0.39
N PRO A 62 -4.80 24.57 -0.22
CA PRO A 62 -4.56 24.68 -1.67
C PRO A 62 -3.17 24.23 -2.08
N GLY A 63 -2.18 24.33 -1.19
CA GLY A 63 -0.84 23.89 -1.50
C GLY A 63 -0.69 22.38 -1.61
N ALA A 64 -1.71 21.64 -1.19
CA ALA A 64 -1.74 20.19 -1.34
C ALA A 64 -2.62 19.76 -2.51
N SER A 65 -2.96 20.68 -3.41
CA SER A 65 -3.99 20.44 -4.39
C SER A 65 -3.58 20.92 -5.78
N PHE A 66 -4.13 20.23 -6.78
CA PHE A 66 -4.00 20.64 -8.17
C PHE A 66 -5.01 19.89 -9.02
N ASP A 67 -5.24 20.40 -10.22
CA ASP A 67 -6.15 19.80 -11.19
C ASP A 67 -5.33 19.50 -12.44
N VAL A 68 -4.86 18.26 -12.54
N VAL A 68 -4.84 18.26 -12.56
CA VAL A 68 -4.07 17.86 -13.69
CA VAL A 68 -4.05 17.89 -13.73
C VAL A 68 -4.93 17.52 -14.89
C VAL A 68 -4.90 17.36 -14.87
N ASN A 69 -6.22 17.25 -14.69
CA ASN A 69 -7.10 16.91 -15.81
C ASN A 69 -7.40 18.14 -16.66
N ASP A 70 -7.66 19.28 -16.01
CA ASP A 70 -7.95 20.54 -16.69
C ASP A 70 -6.80 21.55 -16.61
N GLN A 71 -5.71 21.20 -15.93
CA GLN A 71 -4.51 22.03 -15.86
C GLN A 71 -4.80 23.38 -15.21
N ASP A 72 -5.19 23.32 -13.94
CA ASP A 72 -5.40 24.52 -13.13
C ASP A 72 -5.21 24.13 -11.67
N PRO A 73 -5.17 25.10 -10.76
CA PRO A 73 -4.87 24.78 -9.36
C PRO A 73 -6.04 24.24 -8.57
N ASP A 74 -7.25 24.29 -9.13
CA ASP A 74 -8.47 24.13 -8.35
C ASP A 74 -9.02 22.72 -8.55
N PRO A 75 -8.99 21.86 -7.53
CA PRO A 75 -9.40 20.46 -7.72
C PRO A 75 -10.87 20.20 -7.50
N GLN A 76 -11.70 21.23 -7.51
CA GLN A 76 -13.12 21.03 -7.27
C GLN A 76 -13.66 19.96 -8.21
N PRO A 77 -14.50 19.04 -7.72
CA PRO A 77 -15.02 17.99 -8.60
C PRO A 77 -15.99 18.51 -9.65
N ARG A 78 -16.12 17.74 -10.72
CA ARG A 78 -17.16 17.96 -11.73
C ARG A 78 -18.46 17.34 -11.24
N TYR A 79 -19.48 18.17 -11.05
CA TYR A 79 -20.76 17.69 -10.53
C TYR A 79 -21.60 17.10 -11.65
N THR A 80 -22.15 15.92 -11.40
CA THR A 80 -22.99 15.22 -12.37
C THR A 80 -24.19 14.61 -11.66
N GLN A 81 -25.17 14.18 -12.47
N GLN A 81 -25.16 14.15 -12.47
CA GLN A 81 -26.39 13.62 -11.91
CA GLN A 81 -26.41 13.61 -11.95
C GLN A 81 -26.14 12.35 -11.12
C GLN A 81 -26.24 12.28 -11.25
N MET A 82 -25.16 11.55 -11.51
CA MET A 82 -24.87 10.29 -10.84
C MET A 82 -23.85 10.44 -9.73
N ASN A 83 -23.38 11.66 -9.45
CA ASN A 83 -22.37 11.93 -8.42
C ASN A 83 -21.11 11.10 -8.62
N ASP A 84 -20.62 11.15 -9.86
CA ASP A 84 -19.50 10.32 -10.29
C ASP A 84 -18.21 10.63 -9.55
N ASN A 85 -17.96 11.92 -9.32
CA ASN A 85 -16.65 12.39 -8.87
C ASN A 85 -16.65 12.70 -7.39
N ARG A 86 -17.20 11.78 -6.61
CA ARG A 86 -17.32 11.96 -5.17
C ARG A 86 -16.22 11.25 -4.39
N HIS A 87 -15.42 10.41 -5.03
CA HIS A 87 -14.59 9.51 -4.24
C HIS A 87 -13.48 10.25 -3.52
N GLY A 88 -12.85 11.23 -4.19
CA GLY A 88 -11.80 11.99 -3.54
C GLY A 88 -12.27 12.70 -2.28
N THR A 89 -13.50 13.23 -2.32
CA THR A 89 -14.07 13.90 -1.16
C THR A 89 -14.29 12.93 -0.01
N ARG A 90 -14.78 11.72 -0.31
CA ARG A 90 -14.91 10.70 0.72
C ARG A 90 -13.56 10.37 1.34
N CYS A 91 -12.52 10.20 0.51
CA CYS A 91 -11.21 9.85 1.04
C CYS A 91 -10.63 11.01 1.86
N ALA A 92 -10.83 12.25 1.41
CA ALA A 92 -10.27 13.38 2.13
C ALA A 92 -10.79 13.43 3.56
N GLY A 93 -12.08 13.14 3.75
CA GLY A 93 -12.66 13.19 5.08
C GLY A 93 -12.19 12.06 5.97
N GLU A 94 -11.89 10.89 5.39
CA GLU A 94 -11.32 9.81 6.17
C GLU A 94 -10.02 10.25 6.83
N VAL A 95 -9.21 11.01 6.09
CA VAL A 95 -7.93 11.47 6.62
C VAL A 95 -8.14 12.60 7.60
N ALA A 96 -8.94 13.62 7.21
CA ALA A 96 -8.79 14.91 7.85
C ALA A 96 -10.10 15.68 8.01
N ALA A 97 -11.24 15.00 8.10
CA ALA A 97 -12.46 15.72 8.43
C ALA A 97 -12.31 16.42 9.77
N VAL A 98 -12.86 17.63 9.86
CA VAL A 98 -12.75 18.47 11.04
C VAL A 98 -13.49 17.83 12.22
N ALA A 99 -12.94 18.00 13.42
CA ALA A 99 -13.49 17.43 14.64
C ALA A 99 -14.23 18.49 15.45
N ASN A 100 -15.25 18.03 16.19
CA ASN A 100 -15.94 18.86 17.18
C ASN A 100 -16.59 20.09 16.56
N ASN A 101 -17.17 19.92 15.36
CA ASN A 101 -17.81 21.03 14.66
C ASN A 101 -19.26 20.72 14.30
N GLY A 102 -19.84 19.68 14.89
CA GLY A 102 -21.23 19.37 14.68
C GLY A 102 -21.59 18.82 13.31
N VAL A 103 -20.62 18.38 12.53
CA VAL A 103 -20.82 17.92 11.16
C VAL A 103 -20.20 16.54 11.00
N CYS A 104 -20.98 15.59 10.50
N CYS A 104 -20.95 15.61 10.42
CA CYS A 104 -20.55 14.22 10.12
CA CYS A 104 -20.49 14.26 10.03
C CYS A 104 -19.67 13.66 11.23
C CYS A 104 -19.68 13.67 11.18
N GLY A 105 -18.51 13.09 10.91
CA GLY A 105 -17.65 12.53 11.94
C GLY A 105 -16.31 13.24 11.96
N VAL A 106 -15.21 12.50 12.09
CA VAL A 106 -13.89 13.11 12.15
C VAL A 106 -12.91 12.33 11.27
N GLY A 107 -11.82 13.00 10.91
CA GLY A 107 -10.70 12.31 10.30
C GLY A 107 -9.83 11.60 11.32
N VAL A 108 -9.06 10.63 10.84
CA VAL A 108 -8.05 10.01 11.69
C VAL A 108 -7.08 11.07 12.19
N ALA A 109 -6.66 11.96 11.29
CA ALA A 109 -5.75 13.06 11.60
C ALA A 109 -6.53 14.37 11.46
N TYR A 110 -7.41 14.62 12.41
CA TYR A 110 -8.40 15.67 12.22
C TYR A 110 -7.83 17.08 12.36
N ASN A 111 -6.54 17.23 12.66
CA ASN A 111 -5.89 18.53 12.62
C ASN A 111 -4.86 18.63 11.50
N ALA A 112 -4.79 17.64 10.63
CA ALA A 112 -3.89 17.71 9.49
C ALA A 112 -4.49 18.62 8.41
N ARG A 113 -3.63 19.06 7.51
CA ARG A 113 -4.08 19.79 6.33
C ARG A 113 -4.28 18.80 5.19
N ILE A 114 -5.29 19.04 4.37
CA ILE A 114 -5.75 18.06 3.40
C ILE A 114 -6.00 18.74 2.07
N GLY A 115 -5.53 18.11 1.01
CA GLY A 115 -5.77 18.55 -0.35
C GLY A 115 -6.07 17.37 -1.24
N GLY A 116 -6.27 17.67 -2.51
CA GLY A 116 -6.55 16.62 -3.48
C GLY A 116 -6.02 16.99 -4.85
N VAL A 117 -5.57 15.98 -5.59
CA VAL A 117 -5.23 16.12 -6.99
C VAL A 117 -6.38 15.57 -7.81
N ARG A 118 -7.00 16.42 -8.64
CA ARG A 118 -8.00 15.99 -9.60
C ARG A 118 -7.24 15.41 -10.79
N MET A 119 -7.13 14.09 -10.84
N MET A 119 -7.20 14.10 -10.90
CA MET A 119 -6.38 13.41 -11.89
CA MET A 119 -6.42 13.45 -11.94
C MET A 119 -7.14 12.29 -12.58
C MET A 119 -7.04 12.19 -12.49
N LEU A 120 -8.17 11.73 -11.98
CA LEU A 120 -8.87 10.58 -12.54
C LEU A 120 -10.09 10.96 -13.38
N ASP A 121 -10.41 12.25 -13.50
CA ASP A 121 -11.58 12.67 -14.30
C ASP A 121 -11.11 13.14 -15.68
N GLY A 122 -10.59 12.17 -16.42
CA GLY A 122 -9.95 12.43 -17.69
C GLY A 122 -9.05 11.26 -18.02
N GLU A 123 -8.36 11.38 -19.15
CA GLU A 123 -7.45 10.34 -19.59
C GLU A 123 -6.24 10.31 -18.66
N VAL A 124 -5.96 9.16 -18.07
CA VAL A 124 -4.85 9.02 -17.13
C VAL A 124 -3.64 8.55 -17.95
N THR A 125 -2.75 9.47 -18.25
CA THR A 125 -1.52 9.22 -18.96
C THR A 125 -0.35 9.15 -17.97
N ASP A 126 0.81 8.69 -18.48
CA ASP A 126 2.03 8.70 -17.70
C ASP A 126 2.36 10.10 -17.18
N ALA A 127 2.23 11.11 -18.03
CA ALA A 127 2.49 12.48 -17.60
C ALA A 127 1.52 12.92 -16.49
N VAL A 128 0.24 12.60 -16.65
CA VAL A 128 -0.74 12.96 -15.63
C VAL A 128 -0.34 12.33 -14.29
N GLU A 129 0.02 11.05 -14.32
CA GLU A 129 0.45 10.37 -13.11
C GLU A 129 1.69 11.03 -12.50
N ALA A 130 2.66 11.38 -13.34
CA ALA A 130 3.92 11.93 -12.83
C ALA A 130 3.70 13.31 -12.22
N ARG A 131 2.88 14.12 -12.87
CA ARG A 131 2.59 15.46 -12.35
C ARG A 131 1.80 15.41 -11.07
N SER A 132 1.09 14.30 -10.83
CA SER A 132 0.31 14.14 -9.60
C SER A 132 1.19 13.63 -8.46
N LEU A 133 1.93 12.55 -8.70
CA LEU A 133 2.83 12.03 -7.69
C LEU A 133 3.88 13.05 -7.30
N GLY A 134 4.27 13.90 -8.24
CA GLY A 134 5.30 14.90 -7.99
C GLY A 134 4.76 16.26 -7.60
N LEU A 135 3.51 16.34 -7.18
CA LEU A 135 2.95 17.63 -6.79
C LEU A 135 3.61 18.12 -5.50
N ASN A 136 4.18 19.32 -5.55
CA ASN A 136 4.64 20.08 -4.37
C ASN A 136 5.28 19.15 -3.34
N PRO A 137 6.36 18.45 -3.71
CA PRO A 137 6.89 17.37 -2.84
C PRO A 137 7.65 17.86 -1.61
N ASN A 138 7.87 19.16 -1.47
CA ASN A 138 8.43 19.70 -0.25
C ASN A 138 7.39 20.42 0.59
N HIS A 139 6.13 20.29 0.20
CA HIS A 139 5.01 20.74 1.03
C HIS A 139 4.13 19.59 1.46
N ILE A 140 3.74 18.72 0.54
CA ILE A 140 2.96 17.53 0.85
C ILE A 140 3.86 16.48 1.47
N HIS A 141 3.44 15.92 2.61
CA HIS A 141 4.19 14.87 3.26
C HIS A 141 3.78 13.47 2.78
N ILE A 142 2.49 13.28 2.59
CA ILE A 142 1.88 11.97 2.41
C ILE A 142 0.89 12.06 1.26
N TYR A 143 1.00 11.13 0.32
CA TYR A 143 0.08 10.99 -0.80
C TYR A 143 -0.73 9.71 -0.61
N SER A 144 -2.03 9.80 -0.88
CA SER A 144 -2.92 8.64 -0.76
C SER A 144 -3.55 8.36 -2.13
N ALA A 145 -3.35 7.14 -2.62
CA ALA A 145 -3.89 6.72 -3.91
C ALA A 145 -4.64 5.40 -3.76
N SER A 146 -5.90 5.39 -4.18
CA SER A 146 -6.78 4.25 -3.94
C SER A 146 -6.99 3.39 -5.18
N TRP A 147 -6.31 3.69 -6.28
CA TRP A 147 -6.62 3.06 -7.55
C TRP A 147 -5.34 2.84 -8.35
N GLY A 148 -5.49 2.12 -9.45
CA GLY A 148 -4.38 1.78 -10.31
C GLY A 148 -4.86 1.16 -11.60
N PRO A 149 -4.04 0.28 -12.19
CA PRO A 149 -4.47 -0.44 -13.39
C PRO A 149 -5.75 -1.21 -13.12
N GLU A 150 -6.45 -1.55 -14.20
N GLU A 150 -6.45 -1.54 -14.20
CA GLU A 150 -7.74 -2.22 -14.10
CA GLU A 150 -7.75 -2.19 -14.08
C GLU A 150 -7.64 -3.45 -13.20
C GLU A 150 -7.66 -3.44 -13.22
N ASP A 151 -8.59 -3.54 -12.27
CA ASP A 151 -8.69 -4.70 -11.38
C ASP A 151 -9.55 -5.78 -12.02
N ASP A 152 -9.27 -6.11 -13.28
CA ASP A 152 -10.07 -7.11 -14.00
C ASP A 152 -9.49 -8.51 -13.89
N GLY A 153 -8.38 -8.68 -13.16
CA GLY A 153 -7.78 -9.99 -13.02
C GLY A 153 -7.06 -10.48 -14.25
N LYS A 154 -6.84 -9.62 -15.23
CA LYS A 154 -6.08 -10.01 -16.40
C LYS A 154 -5.06 -8.98 -16.85
N THR A 155 -4.89 -7.90 -16.13
CA THR A 155 -3.97 -6.83 -16.49
C THR A 155 -2.66 -6.98 -15.72
N VAL A 156 -1.55 -6.76 -16.42
CA VAL A 156 -0.25 -6.57 -15.80
C VAL A 156 0.25 -5.21 -16.25
N ASP A 157 0.33 -4.25 -15.33
CA ASP A 157 0.79 -2.93 -15.71
C ASP A 157 1.21 -2.19 -14.44
N GLY A 158 2.01 -1.16 -14.65
CA GLY A 158 2.54 -0.36 -13.56
C GLY A 158 2.98 0.98 -14.09
N PRO A 159 3.67 1.75 -13.25
CA PRO A 159 4.10 3.09 -13.70
C PRO A 159 5.02 3.02 -14.91
N ALA A 160 4.69 3.82 -15.93
CA ALA A 160 5.56 4.02 -17.08
C ALA A 160 6.68 4.98 -16.65
N ARG A 161 7.46 5.50 -17.61
CA ARG A 161 8.75 6.06 -17.24
C ARG A 161 8.62 7.32 -16.38
N LEU A 162 7.75 8.26 -16.76
CA LEU A 162 7.67 9.50 -15.99
C LEU A 162 7.17 9.24 -14.58
N ALA A 163 6.20 8.34 -14.42
CA ALA A 163 5.66 8.05 -13.09
C ALA A 163 6.69 7.33 -12.23
N GLU A 164 7.44 6.39 -12.80
N GLU A 164 7.43 6.41 -12.82
CA GLU A 164 8.49 5.75 -12.01
CA GLU A 164 8.51 5.73 -12.10
C GLU A 164 9.55 6.78 -11.61
C GLU A 164 9.57 6.73 -11.65
N GLU A 165 9.92 7.66 -12.54
CA GLU A 165 10.86 8.72 -12.17
C GLU A 165 10.30 9.60 -11.06
N ALA A 166 8.98 9.83 -11.07
CA ALA A 166 8.36 10.60 -10.00
C ALA A 166 8.46 9.87 -8.67
N PHE A 167 8.27 8.54 -8.67
CA PHE A 167 8.47 7.79 -7.44
C PHE A 167 9.92 7.92 -6.95
N PHE A 168 10.92 7.78 -7.82
N PHE A 168 10.87 7.71 -7.87
CA PHE A 168 12.29 7.82 -7.31
CA PHE A 168 12.30 7.84 -7.58
C PHE A 168 12.67 9.25 -6.90
C PHE A 168 12.58 9.20 -6.94
N ARG A 169 12.20 10.26 -7.64
CA ARG A 169 12.45 11.63 -7.18
C ARG A 169 11.75 11.89 -5.84
N GLY A 170 10.54 11.35 -5.68
CA GLY A 170 9.81 11.59 -4.46
C GLY A 170 10.50 11.00 -3.24
N VAL A 171 10.89 9.73 -3.32
CA VAL A 171 11.47 9.11 -2.13
C VAL A 171 12.89 9.58 -1.89
N SER A 172 13.57 10.10 -2.91
CA SER A 172 14.97 10.51 -2.77
C SER A 172 15.12 11.95 -2.32
N GLN A 173 14.44 12.88 -2.98
CA GLN A 173 14.57 14.30 -2.68
C GLN A 173 13.31 14.90 -2.06
N GLY A 174 12.16 14.24 -2.18
CA GLY A 174 10.95 14.75 -1.56
C GLY A 174 11.09 14.89 -0.05
N ARG A 175 10.27 15.78 0.50
CA ARG A 175 10.17 15.96 1.95
C ARG A 175 11.54 16.26 2.56
N GLY A 176 12.25 17.20 1.94
CA GLY A 176 13.55 17.61 2.44
C GLY A 176 14.58 16.51 2.42
N GLY A 177 14.44 15.54 1.53
CA GLY A 177 15.36 14.42 1.47
C GLY A 177 14.97 13.23 2.32
N LEU A 178 13.89 13.33 3.09
CA LEU A 178 13.41 12.20 3.88
C LEU A 178 12.55 11.25 3.07
N GLY A 179 11.99 11.74 1.96
CA GLY A 179 11.19 10.92 1.05
C GLY A 179 9.69 11.07 1.21
N SER A 180 9.01 11.40 0.11
CA SER A 180 7.56 11.35 0.06
C SER A 180 7.06 9.99 0.53
N ILE A 181 5.97 10.00 1.29
N ILE A 181 5.96 10.01 1.30
CA ILE A 181 5.32 8.76 1.70
CA ILE A 181 5.29 8.79 1.70
C ILE A 181 4.11 8.55 0.80
C ILE A 181 4.12 8.57 0.75
N PHE A 182 4.18 7.51 -0.04
CA PHE A 182 3.11 7.15 -0.97
C PHE A 182 2.35 5.98 -0.38
N VAL A 183 1.08 6.20 -0.03
CA VAL A 183 0.21 5.15 0.51
C VAL A 183 -0.70 4.67 -0.61
N TRP A 184 -0.77 3.34 -0.78
CA TRP A 184 -1.54 2.74 -1.88
C TRP A 184 -2.52 1.69 -1.39
N ALA A 185 -3.69 1.63 -2.04
CA ALA A 185 -4.62 0.53 -1.88
C ALA A 185 -4.17 -0.66 -2.73
N SER A 186 -4.16 -1.86 -2.15
CA SER A 186 -3.67 -3.02 -2.89
C SER A 186 -4.64 -3.52 -3.95
N GLY A 187 -5.90 -3.06 -3.96
CA GLY A 187 -6.78 -3.36 -5.06
C GLY A 187 -8.18 -3.82 -4.69
N ASN A 188 -9.11 -3.75 -5.66
CA ASN A 188 -10.48 -4.19 -5.45
C ASN A 188 -10.86 -5.40 -6.32
N GLY A 189 -9.88 -6.13 -6.85
CA GLY A 189 -10.15 -7.15 -7.83
C GLY A 189 -10.43 -8.56 -7.32
N GLY A 190 -10.82 -8.66 -6.06
CA GLY A 190 -11.03 -9.97 -5.45
C GLY A 190 -11.98 -10.88 -6.22
N ARG A 191 -13.11 -10.35 -6.67
CA ARG A 191 -14.08 -11.25 -7.31
C ARG A 191 -13.63 -11.67 -8.69
N GLU A 192 -12.66 -10.98 -9.27
CA GLU A 192 -12.02 -11.39 -10.51
C GLU A 192 -10.78 -12.24 -10.26
N HIS A 193 -10.54 -12.64 -9.02
CA HIS A 193 -9.36 -13.44 -8.65
C HIS A 193 -8.08 -12.71 -9.05
N ASP A 194 -8.09 -11.39 -8.94
CA ASP A 194 -6.88 -10.62 -9.21
C ASP A 194 -5.83 -10.90 -8.12
N SER A 195 -4.57 -10.75 -8.51
CA SER A 195 -3.39 -11.06 -7.69
C SER A 195 -2.52 -9.82 -7.76
N CYS A 196 -2.35 -9.12 -6.63
CA CYS A 196 -2.02 -7.70 -6.75
C CYS A 196 -0.54 -7.39 -7.02
N ASN A 197 0.36 -8.38 -7.06
CA ASN A 197 1.69 -8.04 -7.54
C ASN A 197 1.70 -7.69 -9.04
N CYS A 198 0.61 -7.97 -9.75
CA CYS A 198 0.45 -7.58 -11.14
C CYS A 198 0.12 -6.11 -11.31
N ASP A 199 -0.05 -5.37 -10.21
CA ASP A 199 -0.29 -3.94 -10.16
C ASP A 199 1.03 -3.30 -9.71
N GLY A 200 1.73 -2.66 -10.64
CA GLY A 200 3.08 -2.17 -10.37
C GLY A 200 3.12 -0.99 -9.42
N TYR A 201 1.98 -0.36 -9.14
CA TYR A 201 1.94 0.70 -8.15
C TYR A 201 1.97 0.12 -6.75
N THR A 202 1.04 -0.78 -6.42
CA THR A 202 1.07 -1.37 -5.09
C THR A 202 2.26 -2.30 -4.92
N ASN A 203 2.74 -2.91 -6.03
CA ASN A 203 3.90 -3.80 -6.00
C ASN A 203 5.23 -3.06 -5.84
N SER A 204 5.21 -1.73 -5.91
CA SER A 204 6.43 -0.94 -5.76
C SER A 204 6.92 -0.96 -4.31
N ILE A 205 8.25 -0.92 -4.15
CA ILE A 205 8.79 -0.76 -2.81
C ILE A 205 8.54 0.65 -2.28
N TYR A 206 8.32 1.61 -3.19
CA TYR A 206 8.16 3.02 -2.83
C TYR A 206 6.76 3.35 -2.34
N THR A 207 5.83 2.42 -2.45
CA THR A 207 4.48 2.63 -1.95
C THR A 207 4.26 1.74 -0.72
N LEU A 208 3.57 2.29 0.26
CA LEU A 208 3.23 1.59 1.49
C LEU A 208 1.82 1.05 1.29
N SER A 209 1.71 -0.24 1.02
CA SER A 209 0.49 -0.82 0.46
C SER A 209 -0.39 -1.46 1.52
N ILE A 210 -1.71 -1.25 1.37
CA ILE A 210 -2.69 -1.46 2.41
C ILE A 210 -3.85 -2.27 1.84
N SER A 211 -4.25 -3.31 2.58
CA SER A 211 -5.43 -4.12 2.26
C SER A 211 -6.51 -3.90 3.32
N SER A 212 -7.60 -4.67 3.20
CA SER A 212 -8.81 -4.45 3.99
C SER A 212 -9.21 -5.66 4.83
N ALA A 213 -9.87 -5.38 5.95
CA ALA A 213 -10.54 -6.39 6.76
C ALA A 213 -11.96 -5.94 7.03
N THR A 214 -12.89 -6.88 7.06
CA THR A 214 -14.28 -6.53 7.37
C THR A 214 -14.44 -6.34 8.88
N GLN A 215 -15.60 -5.80 9.26
CA GLN A 215 -15.85 -5.52 10.67
C GLN A 215 -15.70 -6.77 11.54
N PHE A 216 -16.14 -7.93 11.05
CA PHE A 216 -16.05 -9.17 11.80
C PHE A 216 -14.68 -9.84 11.65
N GLY A 217 -13.72 -9.17 11.01
CA GLY A 217 -12.36 -9.68 10.92
C GLY A 217 -12.08 -10.64 9.79
N ASN A 218 -12.78 -10.51 8.67
CA ASN A 218 -12.63 -11.44 7.57
C ASN A 218 -12.08 -10.72 6.33
N VAL A 219 -11.65 -11.53 5.37
CA VAL A 219 -11.12 -11.03 4.10
C VAL A 219 -12.31 -10.64 3.23
N PRO A 220 -12.47 -9.37 2.88
CA PRO A 220 -13.65 -8.98 2.10
C PRO A 220 -13.64 -9.58 0.70
N TRP A 221 -14.84 -9.62 0.12
CA TRP A 221 -15.01 -10.16 -1.22
C TRP A 221 -14.08 -9.51 -2.23
N TYR A 222 -13.78 -8.22 -2.07
CA TYR A 222 -13.03 -7.46 -3.06
C TYR A 222 -11.53 -7.51 -2.85
N SER A 223 -11.03 -8.15 -1.80
CA SER A 223 -9.61 -8.10 -1.50
C SER A 223 -8.78 -8.89 -2.52
N GLU A 224 -7.61 -8.36 -2.83
CA GLU A 224 -6.58 -9.08 -3.59
C GLU A 224 -5.46 -9.48 -2.65
N ALA A 225 -5.04 -10.74 -2.74
CA ALA A 225 -3.87 -11.21 -1.99
C ALA A 225 -2.60 -11.01 -2.80
N CYS A 226 -1.53 -10.58 -2.13
CA CYS A 226 -0.23 -10.61 -2.78
C CYS A 226 0.86 -10.36 -1.74
N SER A 227 2.10 -10.65 -2.13
CA SER A 227 3.20 -10.54 -1.20
C SER A 227 3.69 -9.11 -1.00
N SER A 228 3.31 -8.18 -1.86
CA SER A 228 3.78 -6.81 -1.72
C SER A 228 3.03 -6.01 -0.66
N THR A 229 1.85 -6.47 -0.23
CA THR A 229 1.08 -5.74 0.77
C THR A 229 1.83 -5.69 2.09
N LEU A 230 1.72 -4.56 2.80
N LEU A 230 1.75 -4.55 2.78
CA LEU A 230 2.41 -4.38 4.07
CA LEU A 230 2.41 -4.38 4.08
C LEU A 230 1.50 -4.43 5.28
C LEU A 230 1.45 -4.55 5.24
N ALA A 231 0.27 -3.94 5.18
CA ALA A 231 -0.63 -3.93 6.34
C ALA A 231 -2.07 -3.72 5.90
N THR A 232 -2.97 -3.55 6.90
CA THR A 232 -4.41 -3.63 6.72
C THR A 232 -5.10 -2.53 7.55
N THR A 233 -6.18 -1.98 7.00
CA THR A 233 -7.13 -1.21 7.79
C THR A 233 -8.53 -1.75 7.52
N TYR A 234 -9.43 -1.53 8.48
CA TYR A 234 -10.81 -1.94 8.30
C TYR A 234 -11.47 -1.21 7.13
N SER A 235 -12.39 -1.91 6.48
CA SER A 235 -13.29 -1.32 5.49
C SER A 235 -14.59 -2.11 5.50
N SER A 236 -15.28 -2.13 4.36
CA SER A 236 -16.61 -2.71 4.25
C SER A 236 -16.53 -4.22 4.04
N GLY A 237 -17.68 -4.87 4.23
CA GLY A 237 -17.83 -6.30 4.02
C GLY A 237 -19.23 -6.65 3.53
N ASN A 238 -19.92 -7.54 4.24
CA ASN A 238 -21.28 -7.94 3.87
C ASN A 238 -22.28 -6.91 4.42
N GLN A 239 -23.57 -7.16 4.18
CA GLN A 239 -24.56 -6.15 4.52
C GLN A 239 -24.96 -6.17 5.99
N ASN A 240 -24.40 -7.09 6.77
CA ASN A 240 -24.53 -7.06 8.23
C ASN A 240 -23.36 -6.34 8.90
N GLU A 241 -22.34 -5.99 8.13
CA GLU A 241 -21.15 -5.33 8.64
C GLU A 241 -21.19 -3.85 8.28
N LYS A 242 -20.71 -3.02 9.19
CA LYS A 242 -20.70 -1.59 8.96
C LYS A 242 -19.62 -1.21 7.96
N GLN A 243 -19.71 0.02 7.47
CA GLN A 243 -18.83 0.52 6.42
C GLN A 243 -18.13 1.78 6.92
N ILE A 244 -17.53 2.51 6.00
CA ILE A 244 -16.77 3.71 6.38
C ILE A 244 -17.69 4.92 6.32
N VAL A 245 -17.55 5.78 7.32
CA VAL A 245 -18.41 6.94 7.53
C VAL A 245 -17.55 8.17 7.29
N THR A 246 -17.97 9.04 6.36
CA THR A 246 -17.11 10.14 5.99
C THR A 246 -17.88 11.21 5.23
N THR A 247 -17.14 12.22 4.81
CA THR A 247 -17.67 13.32 4.01
C THR A 247 -18.04 12.83 2.61
N ASP A 248 -19.08 13.43 2.05
CA ASP A 248 -19.53 13.07 0.72
C ASP A 248 -19.79 14.33 -0.09
N LEU A 249 -19.76 14.15 -1.40
CA LEU A 249 -20.02 15.23 -2.34
C LEU A 249 -21.36 15.90 -2.07
N ARG A 250 -21.41 17.19 -2.40
CA ARG A 250 -22.57 18.06 -2.18
C ARG A 250 -22.83 18.32 -0.69
N GLN A 251 -21.74 18.41 0.07
CA GLN A 251 -21.76 18.88 1.46
C GLN A 251 -22.56 17.93 2.36
N LYS A 252 -22.52 16.65 2.02
CA LYS A 252 -23.25 15.61 2.70
C LYS A 252 -22.30 14.70 3.48
N CYS A 253 -22.88 13.69 4.11
N CYS A 253 -22.88 13.83 4.28
CA CYS A 253 -22.17 12.72 4.93
CA CYS A 253 -22.14 12.71 4.84
C CYS A 253 -22.68 11.33 4.58
C CYS A 253 -22.57 11.43 4.15
N THR A 254 -21.75 10.41 4.30
CA THR A 254 -22.08 9.06 3.87
C THR A 254 -21.71 8.07 4.96
N GLU A 255 -22.48 6.99 5.05
CA GLU A 255 -22.17 5.84 5.89
C GLU A 255 -21.80 4.62 5.08
N SER A 256 -21.62 4.76 3.77
CA SER A 256 -21.52 3.61 2.88
C SER A 256 -20.32 3.74 1.93
N HIS A 257 -19.18 4.18 2.46
CA HIS A 257 -17.90 4.21 1.75
C HIS A 257 -17.22 2.87 1.96
N THR A 258 -16.65 2.33 0.88
CA THR A 258 -16.38 0.90 0.81
C THR A 258 -15.04 0.59 0.11
N GLY A 259 -14.64 -0.68 0.20
CA GLY A 259 -13.56 -1.21 -0.63
C GLY A 259 -12.17 -0.94 -0.07
N THR A 260 -11.18 -1.61 -0.68
CA THR A 260 -9.79 -1.33 -0.32
C THR A 260 -9.45 0.13 -0.58
N SER A 261 -10.12 0.74 -1.55
CA SER A 261 -9.97 2.14 -1.87
C SER A 261 -10.44 3.05 -0.73
N ALA A 262 -11.19 2.52 0.24
CA ALA A 262 -11.43 3.25 1.48
C ALA A 262 -10.41 2.94 2.57
N SER A 263 -9.61 1.89 2.40
CA SER A 263 -8.63 1.54 3.43
C SER A 263 -7.38 2.40 3.36
N ALA A 264 -6.92 2.72 2.14
CA ALA A 264 -5.69 3.49 2.03
C ALA A 264 -5.78 4.85 2.72
N PRO A 265 -6.87 5.61 2.58
CA PRO A 265 -6.91 6.90 3.30
C PRO A 265 -6.83 6.76 4.81
N LEU A 266 -7.44 5.73 5.39
CA LEU A 266 -7.33 5.54 6.83
C LEU A 266 -5.88 5.32 7.23
N ALA A 267 -5.15 4.50 6.46
CA ALA A 267 -3.73 4.33 6.70
C ALA A 267 -2.97 5.64 6.56
N ALA A 268 -3.29 6.43 5.52
CA ALA A 268 -2.63 7.72 5.35
C ALA A 268 -2.82 8.60 6.59
N GLY A 269 -4.02 8.59 7.16
CA GLY A 269 -4.25 9.35 8.38
C GLY A 269 -3.42 8.85 9.55
N ILE A 270 -3.32 7.53 9.71
CA ILE A 270 -2.49 6.99 10.78
C ILE A 270 -1.03 7.37 10.56
N ILE A 271 -0.57 7.34 9.30
CA ILE A 271 0.79 7.75 9.01
C ILE A 271 0.99 9.22 9.31
N ALA A 272 -0.06 10.03 9.13
CA ALA A 272 0.04 11.44 9.47
C ALA A 272 0.21 11.64 10.97
N LEU A 273 -0.52 10.88 11.79
CA LEU A 273 -0.31 10.97 13.23
C LEU A 273 1.11 10.58 13.59
N THR A 274 1.63 9.55 12.93
CA THR A 274 2.98 9.04 13.20
C THR A 274 4.03 10.06 12.83
N LEU A 275 3.86 10.74 11.68
N LEU A 275 3.85 10.76 11.71
CA LEU A 275 4.82 11.77 11.30
CA LEU A 275 4.82 11.77 11.30
C LEU A 275 4.81 12.92 12.29
C LEU A 275 4.79 12.99 12.20
N GLU A 276 3.63 13.32 12.76
CA GLU A 276 3.58 14.38 13.76
C GLU A 276 4.43 13.97 14.97
N ALA A 277 4.38 12.69 15.33
CA ALA A 277 5.15 12.21 16.48
C ALA A 277 6.65 12.22 16.21
N ASN A 278 7.07 12.11 14.95
CA ASN A 278 8.50 12.18 14.62
C ASN A 278 8.61 12.65 13.17
N LYS A 279 8.81 13.95 12.98
CA LYS A 279 8.83 14.51 11.65
C LYS A 279 10.08 14.14 10.86
N ASN A 280 11.07 13.52 11.51
N ASN A 280 11.09 13.54 11.49
CA ASN A 280 12.32 13.15 10.86
CA ASN A 280 12.31 13.15 10.79
C ASN A 280 12.29 11.73 10.31
C ASN A 280 12.31 11.69 10.38
N LEU A 281 11.15 11.04 10.35
CA LEU A 281 11.07 9.69 9.84
C LEU A 281 11.24 9.70 8.32
N THR A 282 12.05 8.78 7.82
CA THR A 282 12.19 8.65 6.37
C THR A 282 11.07 7.76 5.82
N TRP A 283 10.97 7.72 4.49
CA TRP A 283 9.99 6.85 3.85
C TRP A 283 10.21 5.39 4.22
N ARG A 284 11.46 4.98 4.41
CA ARG A 284 11.72 3.60 4.82
C ARG A 284 11.46 3.40 6.31
N ASP A 285 11.84 4.37 7.15
CA ASP A 285 11.48 4.31 8.56
C ASP A 285 9.99 4.01 8.73
N MET A 286 9.15 4.69 7.94
CA MET A 286 7.70 4.53 8.12
C MET A 286 7.27 3.10 7.82
N GLN A 287 7.89 2.47 6.83
CA GLN A 287 7.55 1.08 6.54
C GLN A 287 8.01 0.16 7.66
N HIS A 288 9.18 0.43 8.23
CA HIS A 288 9.65 -0.35 9.38
C HIS A 288 8.66 -0.26 10.54
N LEU A 289 8.19 0.96 10.84
CA LEU A 289 7.24 1.13 11.93
C LEU A 289 5.99 0.30 11.68
N VAL A 290 5.49 0.29 10.44
CA VAL A 290 4.30 -0.49 10.12
C VAL A 290 4.56 -1.98 10.32
N VAL A 291 5.71 -2.46 9.85
CA VAL A 291 6.04 -3.88 10.01
C VAL A 291 6.05 -4.25 11.48
N GLN A 292 6.67 -3.40 12.31
CA GLN A 292 6.89 -3.76 13.71
C GLN A 292 5.63 -3.66 14.56
N THR A 293 4.72 -2.73 14.25
CA THR A 293 3.62 -2.46 15.15
C THR A 293 2.28 -3.05 14.72
N SER A 294 2.15 -3.54 13.49
CA SER A 294 0.84 -3.99 13.02
C SER A 294 0.46 -5.31 13.69
N LYS A 295 -0.84 -5.55 13.78
CA LYS A 295 -1.38 -6.58 14.67
C LYS A 295 -2.19 -7.63 13.92
N PRO A 296 -1.75 -8.90 13.92
CA PRO A 296 -2.56 -9.95 13.28
C PRO A 296 -3.81 -10.33 14.06
N ALA A 297 -3.85 -10.05 15.36
CA ALA A 297 -4.85 -10.66 16.22
C ALA A 297 -6.26 -10.43 15.67
N HIS A 298 -7.05 -11.49 15.67
CA HIS A 298 -8.47 -11.45 15.31
C HIS A 298 -8.72 -11.18 13.83
N LEU A 299 -7.69 -11.23 13.00
CA LEU A 299 -7.87 -11.22 11.55
C LEU A 299 -7.83 -12.66 11.05
N ASN A 300 -8.90 -13.07 10.38
CA ASN A 300 -9.08 -14.45 9.96
C ASN A 300 -8.54 -14.65 8.55
N ALA A 301 -7.57 -15.56 8.40
CA ALA A 301 -7.05 -15.97 7.09
C ALA A 301 -6.46 -17.36 7.24
N ASN A 302 -6.47 -18.13 6.15
CA ASN A 302 -5.93 -19.48 6.21
C ASN A 302 -4.45 -19.54 5.85
N ASP A 303 -3.80 -18.39 5.65
CA ASP A 303 -2.40 -18.38 5.20
C ASP A 303 -1.48 -17.64 6.17
N TRP A 304 -1.88 -17.41 7.42
CA TRP A 304 -0.96 -16.82 8.39
C TRP A 304 0.25 -17.72 8.53
N ALA A 305 1.44 -17.15 8.33
CA ALA A 305 2.67 -17.90 8.47
C ALA A 305 3.66 -17.06 9.26
N THR A 306 4.48 -17.74 10.06
CA THR A 306 5.52 -17.08 10.83
C THR A 306 6.80 -17.03 10.01
N ASN A 307 7.36 -15.83 9.83
CA ASN A 307 8.54 -15.68 8.99
C ASN A 307 9.79 -15.93 9.84
N GLY A 308 10.96 -15.63 9.27
CA GLY A 308 12.20 -16.01 9.92
C GLY A 308 12.59 -15.20 11.14
N VAL A 309 11.92 -14.08 11.38
CA VAL A 309 12.16 -13.29 12.58
C VAL A 309 10.96 -13.33 13.52
N GLY A 310 10.07 -14.29 13.33
CA GLY A 310 9.01 -14.56 14.28
C GLY A 310 7.76 -13.72 14.13
N ARG A 311 7.60 -13.01 13.01
CA ARG A 311 6.41 -12.22 12.77
C ARG A 311 5.43 -13.00 11.91
N LYS A 312 4.15 -12.91 12.25
CA LYS A 312 3.11 -13.51 11.41
C LYS A 312 2.82 -12.59 10.24
N VAL A 313 2.65 -13.19 9.06
N VAL A 313 2.68 -13.20 9.06
CA VAL A 313 2.38 -12.43 7.86
CA VAL A 313 2.41 -12.47 7.83
C VAL A 313 1.42 -13.22 6.99
C VAL A 313 1.37 -13.23 7.02
N SER A 314 0.53 -12.49 6.32
CA SER A 314 -0.50 -13.05 5.46
C SER A 314 -0.47 -12.30 4.14
N HIS A 315 -0.81 -12.99 3.05
CA HIS A 315 -0.88 -12.30 1.77
C HIS A 315 -2.15 -11.46 1.65
N SER A 316 -3.14 -11.69 2.52
CA SER A 316 -4.33 -10.86 2.54
C SER A 316 -4.14 -9.60 3.36
N TYR A 317 -3.32 -9.68 4.40
CA TYR A 317 -3.26 -8.66 5.43
C TYR A 317 -1.88 -8.07 5.67
N GLY A 318 -0.85 -8.57 4.99
CA GLY A 318 0.50 -8.16 5.35
C GLY A 318 0.78 -8.54 6.80
N TYR A 319 1.35 -7.59 7.56
CA TYR A 319 1.66 -7.82 8.96
C TYR A 319 0.48 -7.59 9.88
N GLY A 320 -0.69 -7.27 9.32
CA GLY A 320 -1.89 -7.17 10.11
C GLY A 320 -2.50 -5.78 10.17
N LEU A 321 -3.39 -5.58 11.13
N LEU A 321 -3.36 -5.56 11.16
CA LEU A 321 -4.06 -4.29 11.28
CA LEU A 321 -4.07 -4.30 11.28
C LEU A 321 -3.06 -3.22 11.74
C LEU A 321 -3.16 -3.19 11.81
N LEU A 322 -3.19 -2.04 11.18
CA LEU A 322 -2.48 -0.88 11.69
C LEU A 322 -2.97 -0.58 13.11
N ASP A 323 -2.05 -0.12 13.94
CA ASP A 323 -2.28 0.17 15.35
C ASP A 323 -1.72 1.58 15.57
N ALA A 324 -2.60 2.58 15.59
CA ALA A 324 -2.13 3.97 15.58
C ALA A 324 -1.43 4.32 16.88
N GLY A 325 -1.97 3.88 18.02
CA GLY A 325 -1.31 4.16 19.29
C GLY A 325 0.10 3.61 19.33
N ALA A 326 0.28 2.39 18.80
CA ALA A 326 1.61 1.78 18.80
C ALA A 326 2.54 2.48 17.81
N MET A 327 2.00 2.88 16.66
CA MET A 327 2.80 3.61 15.68
C MET A 327 3.36 4.90 16.27
N VAL A 328 2.54 5.71 16.93
CA VAL A 328 3.03 6.99 17.39
C VAL A 328 3.96 6.81 18.59
N ALA A 329 3.72 5.80 19.41
CA ALA A 329 4.61 5.52 20.54
C ALA A 329 6.00 5.12 20.06
N LEU A 330 6.07 4.23 19.07
CA LEU A 330 7.37 3.74 18.61
C LEU A 330 8.09 4.79 17.77
N ALA A 331 7.35 5.65 17.09
CA ALA A 331 7.96 6.70 16.28
C ALA A 331 8.83 7.64 17.11
N GLN A 332 8.44 7.89 18.36
CA GLN A 332 8.98 9.04 19.07
C GLN A 332 10.48 8.94 19.26
N ASN A 333 10.99 7.76 19.63
N ASN A 333 11.00 7.77 19.63
CA ASN A 333 12.42 7.56 19.84
CA ASN A 333 12.43 7.60 19.84
C ASN A 333 13.02 6.64 18.79
C ASN A 333 13.08 6.75 18.74
N TRP A 334 12.40 6.57 17.62
CA TRP A 334 12.93 5.75 16.54
C TRP A 334 14.27 6.28 16.04
N THR A 335 15.22 5.37 15.88
CA THR A 335 16.52 5.69 15.29
C THR A 335 16.46 5.49 13.79
N THR A 336 16.84 6.52 13.04
CA THR A 336 16.81 6.45 11.59
C THR A 336 17.56 5.23 11.08
N VAL A 337 16.95 4.52 10.13
CA VAL A 337 17.61 3.34 9.57
C VAL A 337 18.82 3.77 8.73
N ALA A 338 19.75 2.83 8.58
CA ALA A 338 20.95 3.05 7.79
C ALA A 338 20.58 3.27 6.32
N PRO A 339 21.50 3.82 5.54
CA PRO A 339 21.23 4.01 4.11
C PRO A 339 20.85 2.70 3.44
N GLN A 340 19.97 2.81 2.45
CA GLN A 340 19.47 1.63 1.77
C GLN A 340 20.53 1.03 0.85
N ARG A 341 20.78 -0.26 1.02
CA ARG A 341 21.62 -1.05 0.15
C ARG A 341 20.78 -1.84 -0.84
N LYS A 342 21.41 -2.21 -1.95
CA LYS A 342 20.75 -2.96 -3.01
C LYS A 342 21.74 -3.97 -3.56
N CYS A 343 21.41 -5.25 -3.43
CA CYS A 343 22.27 -6.35 -3.86
C CYS A 343 21.59 -7.06 -5.04
N ILE A 344 22.25 -7.02 -6.20
CA ILE A 344 21.73 -7.54 -7.45
C ILE A 344 22.39 -8.90 -7.70
N ILE A 345 21.58 -9.93 -7.90
CA ILE A 345 22.07 -11.29 -8.14
C ILE A 345 21.39 -11.83 -9.38
N ASP A 346 22.14 -11.93 -10.49
CA ASP A 346 21.64 -12.58 -11.70
C ASP A 346 21.76 -14.10 -11.52
N ILE A 347 20.63 -14.80 -11.59
CA ILE A 347 20.55 -16.17 -11.08
C ILE A 347 20.88 -17.21 -12.16
N LEU A 348 20.29 -17.09 -13.35
CA LEU A 348 20.33 -18.21 -14.29
C LEU A 348 21.65 -18.25 -15.06
N THR A 349 22.16 -19.47 -15.26
CA THR A 349 23.26 -19.67 -16.19
C THR A 349 22.79 -19.97 -17.61
N GLU A 350 21.52 -20.31 -17.77
CA GLU A 350 20.93 -20.64 -19.07
C GLU A 350 19.41 -20.49 -18.96
N PRO A 351 18.71 -20.22 -20.06
CA PRO A 351 17.25 -20.22 -20.01
C PRO A 351 16.73 -21.59 -19.57
N LYS A 352 15.56 -21.58 -18.92
CA LYS A 352 14.99 -22.79 -18.35
C LYS A 352 13.58 -23.02 -18.89
N ASP A 353 13.33 -24.23 -19.40
CA ASP A 353 11.99 -24.60 -19.83
C ASP A 353 11.06 -24.66 -18.61
N ILE A 354 9.87 -24.08 -18.73
CA ILE A 354 8.93 -24.11 -17.62
C ILE A 354 8.11 -25.39 -17.64
N GLY A 355 7.48 -25.69 -18.78
CA GLY A 355 6.64 -26.87 -18.84
C GLY A 355 5.59 -26.87 -17.76
N LYS A 356 5.40 -28.04 -17.14
CA LYS A 356 4.41 -28.19 -16.07
C LYS A 356 4.89 -27.56 -14.77
N ARG A 357 6.20 -27.50 -14.56
N ARG A 357 6.20 -27.52 -14.53
CA ARG A 357 6.73 -27.04 -13.29
CA ARG A 357 6.72 -27.05 -13.27
C ARG A 357 8.23 -26.79 -13.43
C ARG A 357 8.22 -26.83 -13.39
N LEU A 358 8.69 -25.72 -12.81
CA LEU A 358 10.11 -25.39 -12.79
C LEU A 358 10.48 -24.94 -11.39
N GLU A 359 11.57 -25.47 -10.88
CA GLU A 359 12.16 -25.02 -9.63
C GLU A 359 13.59 -24.55 -9.92
N VAL A 360 13.91 -23.36 -9.43
CA VAL A 360 15.26 -22.79 -9.53
C VAL A 360 15.76 -22.54 -8.12
N ARG A 361 16.85 -23.20 -7.76
N ARG A 361 16.88 -23.17 -7.76
CA ARG A 361 17.52 -23.00 -6.47
CA ARG A 361 17.50 -23.01 -6.46
C ARG A 361 18.81 -22.24 -6.70
C ARG A 361 18.85 -22.33 -6.64
N LYS A 362 19.14 -21.34 -5.79
CA LYS A 362 20.43 -20.67 -5.83
C LYS A 362 20.82 -20.22 -4.43
N THR A 363 22.04 -20.56 -4.04
CA THR A 363 22.62 -20.10 -2.79
C THR A 363 23.42 -18.84 -3.05
N VAL A 364 23.12 -17.78 -2.29
CA VAL A 364 23.69 -16.46 -2.51
C VAL A 364 24.38 -16.00 -1.23
N THR A 365 25.34 -15.09 -1.38
CA THR A 365 26.02 -14.50 -0.24
C THR A 365 25.51 -13.10 0.07
N ALA A 366 24.56 -12.59 -0.71
CA ALA A 366 23.96 -11.27 -0.52
C ALA A 366 25.02 -10.18 -0.49
N CYS A 367 25.95 -10.27 -1.44
CA CYS A 367 26.94 -9.22 -1.70
C CYS A 367 27.94 -9.11 -0.56
N LEU A 368 28.28 -10.25 0.02
CA LEU A 368 29.34 -10.33 1.03
C LEU A 368 30.59 -9.62 0.53
N GLY A 369 31.19 -8.83 1.42
CA GLY A 369 32.41 -8.11 1.12
C GLY A 369 32.23 -6.80 0.40
N GLU A 370 31.00 -6.45 0.02
CA GLU A 370 30.69 -5.27 -0.77
C GLU A 370 29.97 -4.22 0.07
N PRO A 371 29.98 -2.95 -0.36
CA PRO A 371 29.17 -1.94 0.35
C PRO A 371 27.67 -2.20 0.27
N ASN A 372 27.20 -3.09 -0.59
CA ASN A 372 25.79 -3.45 -0.65
C ASN A 372 25.51 -4.79 0.04
N HIS A 373 26.44 -5.28 0.85
CA HIS A 373 26.17 -6.45 1.69
C HIS A 373 24.93 -6.21 2.54
N ILE A 374 23.98 -7.15 2.48
CA ILE A 374 22.74 -7.04 3.24
C ILE A 374 22.63 -8.24 4.19
N THR A 375 22.57 -7.96 5.48
CA THR A 375 22.23 -8.96 6.48
C THR A 375 20.83 -8.77 7.06
N ARG A 376 20.18 -7.65 6.73
CA ARG A 376 18.88 -7.28 7.27
C ARG A 376 18.02 -6.85 6.09
N LEU A 377 17.19 -7.75 5.61
CA LEU A 377 16.41 -7.50 4.40
C LEU A 377 15.26 -6.53 4.68
N GLU A 378 14.93 -5.72 3.68
CA GLU A 378 13.68 -4.98 3.67
C GLU A 378 12.83 -5.63 2.59
N HIS A 379 12.66 -5.02 1.43
CA HIS A 379 11.97 -5.65 0.31
C HIS A 379 12.91 -6.61 -0.43
N ALA A 380 12.33 -7.62 -1.05
CA ALA A 380 13.02 -8.44 -2.04
C ALA A 380 12.17 -8.56 -3.29
N GLN A 381 12.83 -8.59 -4.44
CA GLN A 381 12.16 -8.78 -5.72
C GLN A 381 12.77 -9.97 -6.44
N ALA A 382 11.90 -10.73 -7.12
CA ALA A 382 12.32 -11.66 -8.16
C ALA A 382 11.90 -11.01 -9.47
N ARG A 383 12.86 -10.45 -10.20
CA ARG A 383 12.58 -9.80 -11.48
C ARG A 383 12.67 -10.86 -12.57
N LEU A 384 11.52 -11.22 -13.14
CA LEU A 384 11.42 -12.36 -14.03
C LEU A 384 11.08 -11.93 -15.45
N THR A 385 11.77 -12.54 -16.42
CA THR A 385 11.43 -12.47 -17.83
C THR A 385 11.13 -13.89 -18.28
N LEU A 386 9.91 -14.10 -18.77
CA LEU A 386 9.49 -15.44 -19.19
C LEU A 386 8.41 -15.31 -20.26
N SER A 387 8.34 -16.33 -21.11
CA SER A 387 7.27 -16.54 -22.06
C SER A 387 6.39 -17.67 -21.54
N TYR A 388 5.09 -17.59 -21.83
CA TYR A 388 4.17 -18.67 -21.50
C TYR A 388 2.95 -18.49 -22.39
N ASN A 389 2.28 -19.59 -22.70
CA ASN A 389 1.17 -19.50 -23.66
C ASN A 389 -0.11 -18.98 -23.02
N ARG A 390 -0.33 -19.21 -21.72
N ARG A 390 -0.33 -19.22 -21.72
CA ARG A 390 -1.48 -18.63 -21.02
CA ARG A 390 -1.46 -18.64 -21.01
C ARG A 390 -1.03 -18.18 -19.64
C ARG A 390 -0.98 -18.18 -19.65
N ARG A 391 -0.88 -16.86 -19.47
CA ARG A 391 -0.18 -16.33 -18.29
C ARG A 391 -0.89 -16.70 -17.00
N GLY A 392 -2.23 -16.63 -16.98
CA GLY A 392 -2.96 -16.81 -15.74
C GLY A 392 -2.97 -18.22 -15.21
N ASP A 393 -2.46 -19.18 -15.98
CA ASP A 393 -2.31 -20.52 -15.45
C ASP A 393 -1.07 -20.66 -14.56
N LEU A 394 -0.19 -19.67 -14.54
CA LEU A 394 1.00 -19.75 -13.72
C LEU A 394 0.74 -19.36 -12.28
N ALA A 395 1.34 -20.09 -11.34
CA ALA A 395 1.52 -19.66 -9.97
C ALA A 395 3.01 -19.65 -9.68
N ILE A 396 3.47 -18.64 -8.97
CA ILE A 396 4.90 -18.43 -8.72
C ILE A 396 5.11 -18.21 -7.24
N HIS A 397 6.09 -18.92 -6.67
CA HIS A 397 6.46 -18.75 -5.27
C HIS A 397 7.96 -18.54 -5.15
N LEU A 398 8.35 -17.84 -4.09
CA LEU A 398 9.75 -17.57 -3.77
C LEU A 398 9.96 -17.91 -2.30
N VAL A 399 10.92 -18.77 -2.00
CA VAL A 399 11.20 -19.18 -0.63
C VAL A 399 12.54 -18.60 -0.21
N SER A 400 12.56 -17.94 0.94
CA SER A 400 13.78 -17.32 1.45
C SER A 400 14.64 -18.34 2.18
N PRO A 401 15.91 -18.03 2.41
CA PRO A 401 16.77 -18.94 3.17
C PRO A 401 16.17 -19.30 4.53
N MET A 402 15.41 -18.41 5.15
N MET A 402 15.42 -18.42 5.16
CA MET A 402 14.80 -18.68 6.44
CA MET A 402 14.81 -18.72 6.45
C MET A 402 13.52 -19.50 6.33
C MET A 402 13.46 -19.39 6.31
N GLY A 403 13.12 -19.89 5.12
CA GLY A 403 11.98 -20.76 4.94
C GLY A 403 10.66 -20.06 4.69
N THR A 404 10.66 -18.76 4.47
CA THR A 404 9.43 -18.01 4.28
C THR A 404 8.99 -18.12 2.84
N ARG A 405 7.83 -18.73 2.63
N ARG A 405 7.79 -18.66 2.61
CA ARG A 405 7.24 -18.89 1.31
CA ARG A 405 7.30 -18.91 1.25
C ARG A 405 6.44 -17.63 0.99
C ARG A 405 6.36 -17.78 0.83
N SER A 406 6.87 -16.89 -0.01
CA SER A 406 6.12 -15.77 -0.54
C SER A 406 5.46 -16.19 -1.84
N THR A 407 4.14 -15.99 -1.94
CA THR A 407 3.46 -16.13 -3.22
C THR A 407 3.75 -14.87 -4.04
N LEU A 408 4.48 -15.02 -5.14
CA LEU A 408 4.70 -13.89 -6.04
C LEU A 408 3.55 -13.70 -7.01
N LEU A 409 2.87 -14.79 -7.37
CA LEU A 409 1.76 -14.75 -8.32
C LEU A 409 0.87 -15.95 -8.06
N ALA A 410 -0.42 -15.71 -7.87
CA ALA A 410 -1.40 -16.78 -7.84
C ALA A 410 -2.02 -16.93 -9.22
N ALA A 411 -2.62 -18.10 -9.47
CA ALA A 411 -3.34 -18.30 -10.71
C ALA A 411 -4.42 -17.23 -10.87
N ARG A 412 -4.54 -16.71 -12.10
CA ARG A 412 -5.51 -15.68 -12.47
C ARG A 412 -6.34 -16.25 -13.61
N PRO A 413 -7.52 -16.83 -13.34
N PRO A 413 -7.49 -16.86 -13.33
CA PRO A 413 -8.23 -17.56 -14.39
CA PRO A 413 -8.23 -17.57 -14.40
C PRO A 413 -8.59 -16.71 -15.60
C PRO A 413 -8.58 -16.70 -15.60
N HIS A 414 -8.79 -15.40 -15.43
CA HIS A 414 -9.18 -14.56 -16.56
C HIS A 414 -8.01 -14.13 -17.43
N ASP A 415 -6.77 -14.33 -16.97
CA ASP A 415 -5.59 -13.79 -17.67
C ASP A 415 -5.18 -14.77 -18.76
N TYR A 416 -5.69 -14.54 -19.96
CA TYR A 416 -5.42 -15.37 -21.12
C TYR A 416 -4.19 -14.92 -21.89
N SER A 417 -3.47 -13.91 -21.40
CA SER A 417 -2.42 -13.30 -22.21
C SER A 417 -1.34 -14.33 -22.57
N ALA A 418 -0.85 -14.21 -23.81
CA ALA A 418 0.31 -14.95 -24.27
C ALA A 418 1.59 -14.12 -24.24
N ASP A 419 1.56 -12.99 -23.54
CA ASP A 419 2.68 -12.05 -23.59
C ASP A 419 3.67 -12.23 -22.44
N GLY A 420 3.39 -13.11 -21.49
CA GLY A 420 4.33 -13.42 -20.42
C GLY A 420 4.64 -12.24 -19.53
N PHE A 421 5.84 -12.27 -18.94
CA PHE A 421 6.33 -11.21 -18.06
C PHE A 421 7.65 -10.71 -18.60
N ASN A 422 7.76 -9.39 -18.71
CA ASN A 422 8.95 -8.76 -19.30
C ASN A 422 9.67 -8.01 -18.19
N ASP A 423 10.63 -8.68 -17.55
CA ASP A 423 11.39 -8.15 -16.43
C ASP A 423 10.43 -7.57 -15.38
N TRP A 424 9.42 -8.36 -14.98
CA TRP A 424 8.43 -7.93 -14.00
C TRP A 424 9.00 -8.17 -12.60
N ALA A 425 9.03 -7.12 -11.78
CA ALA A 425 9.72 -7.17 -10.48
C ALA A 425 8.75 -7.54 -9.35
N PHE A 426 8.34 -8.81 -9.35
CA PHE A 426 7.50 -9.32 -8.27
C PHE A 426 8.15 -9.04 -6.92
N MET A 427 7.39 -8.46 -5.98
CA MET A 427 7.98 -7.99 -4.73
C MET A 427 7.33 -8.65 -3.52
N THR A 428 8.16 -8.98 -2.53
CA THR A 428 7.65 -9.48 -1.27
C THR A 428 8.19 -8.68 -0.09
N THR A 429 7.30 -8.45 0.87
CA THR A 429 7.62 -7.83 2.15
C THR A 429 7.73 -8.86 3.27
N HIS A 430 7.46 -10.13 2.99
CA HIS A 430 7.28 -11.13 4.04
C HIS A 430 8.60 -11.59 4.67
N SER A 431 9.74 -11.25 4.09
CA SER A 431 11.03 -11.60 4.66
C SER A 431 11.73 -10.41 5.29
N TRP A 432 11.01 -9.31 5.50
CA TRP A 432 11.54 -8.15 6.21
C TRP A 432 12.26 -8.56 7.49
N ASP A 433 13.49 -8.06 7.65
CA ASP A 433 14.40 -8.24 8.77
C ASP A 433 15.10 -9.61 8.77
N GLU A 434 14.79 -10.50 7.84
CA GLU A 434 15.54 -11.74 7.70
C GLU A 434 16.92 -11.47 7.11
N ASP A 435 17.85 -12.38 7.41
CA ASP A 435 19.15 -12.42 6.73
C ASP A 435 18.96 -13.15 5.40
N PRO A 436 19.23 -12.50 4.25
CA PRO A 436 18.96 -13.13 2.96
C PRO A 436 20.09 -13.97 2.39
N SER A 437 21.17 -14.17 3.14
N SER A 437 21.18 -14.16 3.13
CA SER A 437 22.22 -15.09 2.73
CA SER A 437 22.21 -15.09 2.70
C SER A 437 21.70 -16.52 2.79
C SER A 437 21.67 -16.51 2.77
N GLY A 438 22.10 -17.33 1.82
CA GLY A 438 21.67 -18.72 1.80
C GLY A 438 20.88 -19.09 0.55
N GLU A 439 20.10 -20.15 0.65
CA GLU A 439 19.42 -20.70 -0.52
C GLU A 439 18.06 -20.04 -0.70
N TRP A 440 17.86 -19.48 -1.89
CA TRP A 440 16.55 -19.04 -2.35
C TRP A 440 16.01 -20.05 -3.36
N VAL A 441 14.70 -20.27 -3.32
CA VAL A 441 14.05 -21.22 -4.22
C VAL A 441 12.90 -20.50 -4.94
N LEU A 442 12.94 -20.49 -6.27
CA LEU A 442 11.85 -20.00 -7.10
C LEU A 442 11.09 -21.20 -7.66
N GLU A 443 9.76 -21.15 -7.52
CA GLU A 443 8.87 -22.18 -8.03
C GLU A 443 7.92 -21.55 -9.04
N ILE A 444 7.86 -22.12 -10.24
CA ILE A 444 6.88 -21.74 -11.25
C ILE A 444 6.10 -22.99 -11.60
N GLU A 445 4.78 -22.92 -11.48
CA GLU A 445 3.95 -24.09 -11.72
C GLU A 445 2.78 -23.75 -12.61
N ASN A 446 2.46 -24.68 -13.50
CA ASN A 446 1.25 -24.64 -14.30
C ASN A 446 0.12 -25.23 -13.48
N THR A 447 -0.83 -24.39 -13.06
CA THR A 447 -1.91 -24.86 -12.21
C THR A 447 -3.03 -25.53 -12.98
N SER A 448 -2.99 -25.51 -14.30
N SER A 448 -2.97 -25.53 -14.31
CA SER A 448 -4.03 -26.12 -15.12
CA SER A 448 -3.99 -26.09 -15.17
C SER A 448 -3.61 -27.53 -15.53
C SER A 448 -3.57 -27.48 -15.67
N GLU A 449 -4.57 -28.27 -16.07
CA GLU A 449 -4.30 -29.56 -16.68
C GLU A 449 -3.89 -29.44 -18.14
N ALA A 450 -3.94 -28.23 -18.70
CA ALA A 450 -3.55 -28.02 -20.08
C ALA A 450 -2.04 -28.20 -20.25
N ASN A 451 -1.65 -28.65 -21.45
CA ASN A 451 -0.25 -28.80 -21.81
C ASN A 451 0.32 -27.44 -22.23
N ASN A 452 0.50 -26.58 -21.23
CA ASN A 452 1.06 -25.25 -21.44
C ASN A 452 2.58 -25.32 -21.53
N TYR A 453 3.17 -24.23 -22.05
CA TYR A 453 4.58 -24.25 -22.38
C TYR A 453 5.17 -22.84 -22.37
N GLY A 454 6.47 -22.78 -22.08
CA GLY A 454 7.20 -21.52 -22.13
C GLY A 454 8.58 -21.68 -21.52
N THR A 455 9.24 -20.54 -21.36
CA THR A 455 10.66 -20.47 -21.00
C THR A 455 10.91 -19.29 -20.08
N LEU A 456 11.63 -19.53 -18.99
CA LEU A 456 12.18 -18.49 -18.14
C LEU A 456 13.56 -18.11 -18.66
N THR A 457 13.72 -16.86 -19.10
CA THR A 457 15.00 -16.44 -19.66
C THR A 457 15.82 -15.56 -18.73
N LYS A 458 15.21 -14.94 -17.73
CA LYS A 458 15.98 -14.14 -16.77
C LYS A 458 15.28 -14.18 -15.41
N PHE A 459 16.10 -14.35 -14.37
CA PHE A 459 15.67 -14.31 -12.97
C PHE A 459 16.73 -13.49 -12.25
N THR A 460 16.40 -12.23 -11.92
CA THR A 460 17.26 -11.39 -11.09
C THR A 460 16.66 -11.35 -9.70
N LEU A 461 17.43 -11.78 -8.71
CA LEU A 461 17.05 -11.58 -7.31
C LEU A 461 17.64 -10.26 -6.85
N VAL A 462 16.77 -9.33 -6.46
CA VAL A 462 17.18 -8.01 -6.02
C VAL A 462 16.82 -7.89 -4.56
N LEU A 463 17.82 -7.68 -3.72
CA LEU A 463 17.66 -7.55 -2.28
C LEU A 463 17.91 -6.11 -1.90
N TYR A 464 17.02 -5.55 -1.07
CA TYR A 464 17.20 -4.25 -0.47
C TYR A 464 17.29 -4.41 1.04
N GLY A 465 18.03 -3.52 1.68
CA GLY A 465 18.12 -3.56 3.13
C GLY A 465 19.41 -2.93 3.62
N THR A 466 19.83 -3.40 4.79
CA THR A 466 20.95 -2.83 5.52
C THR A 466 21.79 -3.94 6.12
N ALA A 467 22.80 -3.57 6.90
CA ALA A 467 23.63 -4.53 7.59
C ALA A 467 23.82 -4.15 9.05
N SER A 468 22.84 -3.49 9.64
CA SER A 468 22.95 -3.09 11.04
C SER A 468 21.57 -2.82 11.63
N GLY A 469 21.48 -2.99 12.95
CA GLY A 469 20.35 -2.50 13.71
C GLY A 469 19.25 -3.48 14.05
N SER A 470 19.50 -4.79 13.98
CA SER A 470 18.41 -5.73 14.13
C SER A 470 17.96 -5.88 15.58
N LEU A 471 16.66 -6.11 15.74
CA LEU A 471 16.05 -6.51 17.00
C LEU A 471 16.16 -8.03 17.19
N VAL A 472 16.10 -8.46 18.44
CA VAL A 472 15.95 -9.89 18.71
C VAL A 472 14.63 -10.37 18.10
N PRO A 473 14.60 -11.48 17.35
CA PRO A 473 13.34 -12.00 16.80
C PRO A 473 12.19 -12.09 17.80
CAA I0Q B . 3.37 3.35 -21.73
CAB I0Q B . 2.48 4.40 -21.06
CAE I0Q B . 0.60 4.82 -19.55
CAF I0Q B . -0.27 4.01 -18.58
CAG I0Q B . 0.60 3.47 -17.44
CAH I0Q B . -0.29 2.69 -16.47
CAJ I0Q B . -2.20 4.09 -16.99
CAK I0Q B . -1.37 4.89 -18.00
CAL I0Q B . -2.20 2.74 -14.95
CAM I0Q B . -3.16 3.50 -14.20
CAN I0Q B . -4.48 3.54 -14.59
CAO I0Q B . -5.40 4.28 -13.85
CAQ I0Q B . -3.76 4.97 -12.35
CAR I0Q B . -2.80 4.22 -13.06
CAS I0Q B . -3.43 5.73 -11.21
CAT I0Q B . -2.17 6.31 -11.10
CAU I0Q B . -1.84 7.10 -10.00
CAW I0Q B . -2.77 7.33 -9.00
CAX I0Q B . -4.04 6.78 -9.12
CAZ I0Q B . -4.37 6.00 -10.22
CBB I0Q B . -7.71 4.69 -13.53
CBC I0Q B . -8.63 5.57 -14.06
CBE I0Q B . -9.87 5.45 -12.05
CBG I0Q B . -7.90 4.16 -12.26
CBI I0Q B . -11.90 6.69 -11.98
CBJ I0Q B . -13.31 6.22 -11.69
CBL I0Q B . -14.92 5.71 -10.04
CBM I0Q B . -15.18 5.52 -8.57
CBN I0Q B . -16.68 5.49 -8.32
CBO I0Q B . -17.38 4.30 -8.96
CBP I0Q B . -16.82 5.35 -6.81
CBS I0Q B . -12.67 4.77 -9.94
CBT I0Q B . -11.20 5.13 -10.05
NAD I0Q B . 1.53 3.91 -20.26
NAI I0Q B . -1.38 3.53 -15.88
NAP I0Q B . -5.04 4.98 -12.77
NBD I0Q B . -9.71 5.95 -13.28
NBF I0Q B . -9.01 4.56 -11.53
NBH I0Q B . -10.93 5.79 -11.36
NBK I0Q B . -13.49 5.94 -10.26
OAC I0Q B . 2.65 5.60 -21.25
OBA I0Q B . -6.68 4.30 -14.30
OBQ I0Q B . -16.93 4.18 -6.37
OBR I0Q B . -16.74 6.38 -6.11
CL1 I0Q B . -0.26 7.82 -9.90
CL2 I0Q B . -5.20 7.10 -7.87
HAB I0Q B . 3.43 2.47 -21.09
HAC I0Q B . 4.37 3.76 -21.88
HAA I0Q B . 2.94 3.08 -22.70
HAF I0Q B . 1.17 5.56 -18.99
HAE I0Q B . -0.05 5.32 -20.27
HAG I0Q B . -0.71 3.18 -19.12
HAH I0Q B . 1.07 4.31 -16.91
HAI I0Q B . 1.37 2.82 -17.84
HAK I0Q B . -0.75 1.86 -17.00
HAJ I0Q B . 0.32 2.31 -15.65
HAM I0Q B . -2.68 3.26 -17.51
HAL I0Q B . -2.95 4.74 -16.55
HAO I0Q B . -0.92 5.75 -17.50
HAN I0Q B . -2.02 5.25 -18.80
HAQ I0Q B . -2.75 1.99 -15.53
HAP I0Q B . -1.54 2.23 -14.25
HAR I0Q B . -4.80 2.98 -15.47
HAS I0Q B . -1.76 4.22 -12.72
HAT I0Q B . -1.43 6.14 -11.88
HAW I0Q B . -2.51 7.94 -8.13
HAZ I0Q B . -5.38 5.57 -10.30
HBC I0Q B . -8.51 5.98 -15.07
HBG I0Q B . -7.20 3.44 -11.85
HBJ I0Q B . -11.78 7.69 -11.57
HBI I0Q B . -11.75 6.71 -13.05
HBL I0Q B . -14.01 7.00 -11.99
HBK I0Q B . -13.49 5.31 -12.26
HBN I0Q B . -15.48 6.56 -10.41
HBM I0Q B . -15.22 4.80 -10.58
HBP I0Q B . -14.74 4.58 -8.23
HBO I0Q B . -14.74 6.35 -8.01
HBQ I0Q B . -17.15 6.39 -8.73
HBT I0Q B . -16.89 3.38 -8.65
HBR I0Q B . -17.33 4.39 -10.04
HBS I0Q B . -18.42 4.28 -8.65
HBU I0Q B . -12.90 3.96 -10.64
HBV I0Q B . -12.89 4.43 -8.93
HBX I0Q B . -10.61 4.23 -9.97
HBW I0Q B . -10.94 5.82 -9.25
HAD I0Q B . 1.39 2.93 -20.10
HBY I0Q B . -0.98 4.28 -15.36
HBZ I0Q B . -13.20 6.69 -9.67
CA CA C . -10.20 22.77 -11.97
CA CA D . -16.81 16.79 11.75
CA CA E . -5.45 -5.39 -8.98
NA NA F . 3.94 -1.03 -2.21
NA NA G . 21.43 -17.65 5.60
NA NA H . 8.53 -19.90 8.95
NA NA I . -6.76 -1.08 -8.03
CL CL J . 16.71 0.88 -7.08
S DMS K . 4.09 -7.88 -18.62
O DMS K . 5.48 -7.82 -18.03
C1 DMS K . 3.52 -6.16 -18.70
C2 DMS K . 4.26 -8.25 -20.38
H11 DMS K . 2.56 -6.12 -19.13
H12 DMS K . 4.20 -5.58 -19.29
H13 DMS K . 3.48 -5.75 -17.72
H21 DMS K . 3.30 -8.30 -20.83
H22 DMS K . 4.75 -9.18 -20.50
H23 DMS K . 4.82 -7.49 -20.85
S DMS L . 16.45 4.71 -2.11
O DMS L . 15.81 4.34 -3.41
C1 DMS L . 18.23 4.89 -2.39
C2 DMS L . 16.13 6.45 -1.70
H11 DMS L . 18.68 5.28 -1.52
H12 DMS L . 18.40 5.53 -3.20
H13 DMS L . 18.65 3.93 -2.59
H21 DMS L . 16.55 6.68 -0.76
H22 DMS L . 15.09 6.62 -1.67
H23 DMS L . 16.57 7.08 -2.44
S DMS M . -15.61 -1.68 -4.72
O DMS M . -14.81 -1.97 -5.96
C1 DMS M . -15.06 -2.83 -3.43
C2 DMS M . -15.04 -0.11 -4.04
H11 DMS M . -15.59 -2.63 -2.53
H12 DMS M . -14.02 -2.69 -3.26
H13 DMS M . -15.24 -3.82 -3.73
H21 DMS M . -15.55 0.08 -3.12
H22 DMS M . -15.26 0.67 -4.73
H23 DMS M . -14.00 -0.15 -3.86
S DMS N . -23.20 22.58 -7.96
O DMS N . -22.63 21.91 -6.75
C1 DMS N . -21.86 23.15 -9.04
C2 DMS N . -23.99 21.33 -9.03
H11 DMS N . -22.28 23.53 -9.94
H12 DMS N . -21.22 22.35 -9.28
H13 DMS N . -21.32 23.91 -8.55
H21 DMS N . -24.29 21.79 -9.94
H22 DMS N . -24.84 20.94 -8.54
H23 DMS N . -23.31 20.55 -9.23
S DMS O . -15.00 21.43 -13.98
O DMS O . -15.24 22.79 -13.41
C1 DMS O . -14.47 20.33 -12.64
C2 DMS O . -16.59 20.71 -14.47
H11 DMS O . -14.40 19.34 -13.00
H12 DMS O . -15.17 20.37 -11.85
H13 DMS O . -13.53 20.65 -12.27
H21 DMS O . -16.43 19.77 -14.94
H22 DMS O . -17.08 21.36 -15.16
H23 DMS O . -17.20 20.57 -13.61
S DMS P . -7.60 -17.03 2.61
S DMS P . -9.01 -16.84 3.16
O DMS P . -7.85 -17.32 4.05
O DMS P . -8.85 -17.50 4.48
C1 DMS P . -8.55 -18.16 1.56
C1 DMS P . -7.42 -16.17 2.59
C2 DMS P . -8.50 -15.50 2.19
C2 DMS P . -9.24 -18.14 1.91
H11 DMS P . -8.53 -17.83 0.56
H11 DMS P . -7.54 -15.77 1.62
H12 DMS P . -9.55 -18.19 1.91
H12 DMS P . -6.70 -16.95 2.57
H13 DMS P . -8.13 -19.13 1.62
H13 DMS P . -7.11 -15.41 3.25
H21 DMS P . -8.25 -15.21 1.20
H21 DMS P . -9.30 -17.71 0.96
H22 DMS P . -8.22 -14.74 2.86
H22 DMS P . -10.12 -18.69 2.12
H23 DMS P . -9.54 -15.67 2.24
H23 DMS P . -8.41 -18.80 1.95
C1 NAG Q . 17.21 13.47 11.38
C2 NAG Q . 17.96 14.39 12.36
C3 NAG Q . 19.40 14.59 11.93
C4 NAG Q . 20.08 13.25 11.66
C5 NAG Q . 19.25 12.43 10.69
C6 NAG Q . 19.81 11.05 10.44
C7 NAG Q . 16.46 15.98 13.50
C8 NAG Q . 15.86 17.35 13.45
N2 NAG Q . 17.28 15.67 12.49
O3 NAG Q . 20.12 15.31 12.92
O4 NAG Q . 21.38 13.46 11.11
O5 NAG Q . 17.93 12.25 11.22
O6 NAG Q . 19.97 10.33 11.65
O7 NAG Q . 16.19 15.18 14.40
H1 NAG Q . 17.14 13.91 10.52
H2 NAG Q . 17.97 13.95 13.24
H3 NAG Q . 19.40 15.10 11.09
H4 NAG Q . 20.17 12.76 12.50
H5 NAG Q . 19.20 12.90 9.83
H61 NAG Q . 20.67 11.13 9.99
H62 NAG Q . 19.19 10.55 9.86
H81 NAG Q . 15.31 17.50 14.24
H82 NAG Q . 15.30 17.44 12.65
H83 NAG Q . 16.57 18.02 13.43
HN2 NAG Q . 17.43 16.30 11.85
HO3 NAG Q . 20.98 15.32 12.71
HO4 NAG Q . 21.94 12.86 11.44
HO6 NAG Q . 20.42 9.58 11.48
#